data_3PAJ
#
_entry.id   3PAJ
#
_cell.length_a   59.195
_cell.length_b   79.551
_cell.length_c   117.908
_cell.angle_alpha   90.00
_cell.angle_beta   90.00
_cell.angle_gamma   90.00
#
_symmetry.space_group_name_H-M   'P 21 21 21'
#
loop_
_entity.id
_entity.type
_entity.pdbx_description
1 polymer 'Nicotinate-nucleotide pyrophosphorylase, carboxylating'
2 non-polymer 'MAGNESIUM ION'
3 water water
#
_entity_poly.entity_id   1
_entity_poly.type   'polypeptide(L)'
_entity_poly.pdbx_seq_one_letter_code
;MHHHHHHSSGVDLGTENLYFQSNAMKETHNSQDRLAYLKQQLPADITRSVIDTLKEDLGGTLDPAADITASLIPADRIST
ATIITREAGVFCGQLWADEVFKQLGGQVSIEWHVQDGDTLTPNQTLCTLTGPARILLTGERNAMNFIQTLSGCATATARY
VQELKGTQCRLLDTRKTIPGLRSALKYAVACGGGYNHRIGVFDAYLIKENHIIACGGIRQAISTAKQLNPGKPVEVETET
LAELEEAISAGADIIMLDNFSLEMMREAVKINAGRAALENSGNITLDNLKECAETGVDYISVGALTKHLKALDLSMRFKS
;
_entity_poly.pdbx_strand_id   A,B
#
# COMPACT_ATOMS: atom_id res chain seq x y z
N TYR A 19 -0.15 -38.98 18.98
CA TYR A 19 -1.54 -38.79 19.47
C TYR A 19 -2.47 -38.22 18.40
N PHE A 20 -3.76 -38.32 18.67
CA PHE A 20 -4.75 -37.79 17.73
C PHE A 20 -4.65 -36.30 17.57
N GLN A 21 -4.76 -35.88 16.32
CA GLN A 21 -4.74 -34.50 15.97
C GLN A 21 -5.72 -34.33 14.79
N SER A 22 -6.82 -33.63 15.04
CA SER A 22 -7.82 -33.42 14.00
C SER A 22 -7.38 -32.29 13.08
N ASN A 23 -8.05 -32.17 11.93
CA ASN A 23 -7.75 -31.07 11.01
C ASN A 23 -8.04 -29.77 11.75
N ALA A 24 -9.10 -29.73 12.56
CA ALA A 24 -9.41 -28.53 13.35
C ALA A 24 -8.22 -28.20 14.27
N MET A 25 -7.64 -29.22 14.89
CA MET A 25 -6.48 -29.05 15.79
C MET A 25 -5.22 -28.58 15.05
N LYS A 26 -4.98 -29.16 13.86
CA LYS A 26 -3.82 -28.79 13.02
C LYS A 26 -3.91 -27.32 12.63
N GLU A 27 -5.10 -26.89 12.24
CA GLU A 27 -5.36 -25.50 11.83
C GLU A 27 -5.24 -24.56 13.02
N THR A 28 -5.73 -24.97 14.19
CA THR A 28 -5.58 -24.13 15.39
C THR A 28 -4.09 -24.02 15.74
N HIS A 29 -3.36 -25.14 15.67
CA HIS A 29 -1.92 -25.16 15.96
C HIS A 29 -1.19 -24.18 15.00
N ASN A 30 -1.57 -24.23 13.72
CA ASN A 30 -0.98 -23.33 12.72
C ASN A 30 -1.24 -21.87 13.04
N SER A 31 -2.46 -21.55 13.46
CA SER A 31 -2.79 -20.17 13.83
C SER A 31 -1.99 -19.74 15.06
N GLN A 32 -1.88 -20.61 16.06
CA GLN A 32 -1.10 -20.30 17.28
C GLN A 32 0.35 -19.98 16.96
N ASP A 33 0.95 -20.75 16.06
CA ASP A 33 2.34 -20.52 15.67
C ASP A 33 2.56 -19.17 14.99
N ARG A 34 1.75 -18.87 13.98
CA ARG A 34 1.92 -17.59 13.27
C ARG A 34 1.40 -16.39 14.04
N LEU A 35 0.45 -16.59 14.96
CA LEU A 35 0.02 -15.49 15.80
C LEU A 35 1.21 -15.22 16.73
N ALA A 36 1.89 -16.29 17.17
CA ALA A 36 3.07 -16.18 18.03
C ALA A 36 4.21 -15.46 17.27
N TYR A 37 4.47 -15.91 16.03
CA TYR A 37 5.51 -15.28 15.22
C TYR A 37 5.21 -13.78 15.07
N LEU A 38 3.99 -13.43 14.69
CA LEU A 38 3.57 -12.01 14.51
C LEU A 38 3.72 -11.19 15.78
N LYS A 39 3.35 -11.75 16.94
CA LYS A 39 3.52 -10.99 18.16
C LYS A 39 4.99 -10.70 18.47
N GLN A 40 5.87 -11.69 18.32
CA GLN A 40 7.29 -11.47 18.59
C GLN A 40 7.93 -10.46 17.64
N GLN A 41 7.55 -10.53 16.36
N GLN A 41 7.54 -10.56 16.37
CA GLN A 41 8.17 -9.67 15.38
CA GLN A 41 8.08 -9.75 15.29
C GLN A 41 7.51 -8.30 15.19
C GLN A 41 7.47 -8.36 15.10
N LEU A 42 6.24 -8.17 15.58
CA LEU A 42 5.50 -6.91 15.38
C LEU A 42 6.09 -5.62 15.95
N PRO A 43 6.53 -5.63 17.22
CA PRO A 43 7.08 -4.39 17.74
C PRO A 43 8.24 -3.88 16.89
N ALA A 44 9.10 -4.79 16.41
CA ALA A 44 10.24 -4.41 15.58
C ALA A 44 9.75 -3.89 14.23
N ASP A 45 8.76 -4.56 13.62
CA ASP A 45 8.21 -4.10 12.31
C ASP A 45 7.53 -2.75 12.42
N ILE A 46 6.76 -2.52 13.49
CA ILE A 46 6.10 -1.23 13.74
C ILE A 46 7.16 -0.13 13.80
N THR A 47 8.19 -0.32 14.60
CA THR A 47 9.25 0.67 14.71
C THR A 47 9.95 0.89 13.38
N ARG A 48 10.27 -0.22 12.70
CA ARG A 48 10.93 -0.14 11.42
C ARG A 48 10.10 0.64 10.41
N SER A 49 8.82 0.32 10.28
N SER A 49 8.82 0.32 10.29
CA SER A 49 7.98 1.02 9.29
CA SER A 49 7.94 1.01 9.34
C SER A 49 7.78 2.49 9.65
C SER A 49 7.79 2.48 9.66
N VAL A 50 7.55 2.77 10.93
CA VAL A 50 7.37 4.15 11.39
C VAL A 50 8.61 5.00 11.14
N ILE A 51 9.79 4.47 11.44
CA ILE A 51 11.03 5.18 11.20
C ILE A 51 11.24 5.47 9.72
N ASP A 52 11.00 4.47 8.88
CA ASP A 52 11.15 4.68 7.45
C ASP A 52 10.18 5.76 6.96
N THR A 53 8.96 5.71 7.46
CA THR A 53 7.92 6.65 7.05
C THR A 53 8.25 8.09 7.50
N LEU A 54 8.70 8.24 8.74
CA LEU A 54 9.06 9.58 9.21
C LEU A 54 10.29 10.11 8.48
N LYS A 55 11.28 9.26 8.21
CA LYS A 55 12.45 9.72 7.52
C LYS A 55 12.10 10.19 6.11
N GLU A 56 11.17 9.52 5.42
CA GLU A 56 10.78 9.96 4.08
C GLU A 56 10.15 11.38 4.16
N ASP A 57 9.30 11.60 5.15
CA ASP A 57 8.58 12.85 5.29
C ASP A 57 9.46 14.02 5.76
N LEU A 58 10.46 13.74 6.59
CA LEU A 58 11.36 14.75 7.14
C LEU A 58 12.66 14.96 6.37
N GLY A 59 12.87 14.16 5.32
CA GLY A 59 14.05 14.25 4.48
C GLY A 59 15.33 13.59 4.93
N GLY A 60 15.24 12.41 5.51
CA GLY A 60 16.44 11.66 5.94
C GLY A 60 16.68 11.59 7.43
N THR A 61 15.88 12.30 8.22
CA THR A 61 16.06 12.35 9.66
C THR A 61 14.78 12.15 10.44
N LEU A 62 14.92 11.83 11.73
CA LEU A 62 13.76 11.72 12.59
C LEU A 62 13.57 13.02 13.41
N ASP A 63 14.34 14.06 13.08
CA ASP A 63 14.27 15.33 13.79
C ASP A 63 13.06 16.16 13.35
N PRO A 64 12.09 16.39 14.26
CA PRO A 64 10.91 17.18 13.86
C PRO A 64 11.24 18.61 13.43
N ALA A 65 12.43 19.11 13.77
CA ALA A 65 12.85 20.48 13.39
C ALA A 65 12.97 20.65 11.87
N ALA A 66 13.07 19.54 11.16
CA ALA A 66 13.11 19.56 9.71
C ALA A 66 11.75 20.03 9.08
N ASP A 67 10.64 20.06 9.84
CA ASP A 67 9.32 20.52 9.33
C ASP A 67 9.33 22.07 9.25
N ILE A 68 9.57 22.59 8.05
CA ILE A 68 9.68 24.04 7.90
C ILE A 68 8.43 24.89 8.16
N THR A 69 7.25 24.45 7.72
CA THR A 69 6.06 25.22 7.93
C THR A 69 5.68 25.21 9.43
N ALA A 70 5.92 24.09 10.09
CA ALA A 70 5.62 24.04 11.53
C ALA A 70 6.51 25.04 12.30
N SER A 71 7.66 25.39 11.73
CA SER A 71 8.54 26.36 12.40
C SER A 71 7.91 27.79 12.45
N LEU A 72 6.79 28.01 11.77
CA LEU A 72 6.11 29.30 11.81
C LEU A 72 5.18 29.40 13.03
N ILE A 73 5.01 28.29 13.76
CA ILE A 73 4.17 28.24 14.97
C ILE A 73 5.11 28.45 16.17
N PRO A 74 4.71 29.28 17.18
CA PRO A 74 5.64 29.47 18.31
C PRO A 74 5.93 28.13 18.94
N ALA A 75 7.20 27.91 19.22
CA ALA A 75 7.73 26.68 19.79
C ALA A 75 7.02 26.21 21.04
N ASP A 76 6.67 27.13 21.92
CA ASP A 76 6.05 26.72 23.17
C ASP A 76 4.53 26.50 23.17
N ARG A 77 3.87 26.57 22.02
CA ARG A 77 2.43 26.35 22.01
C ARG A 77 2.14 24.86 22.23
N ILE A 78 1.12 24.60 23.07
CA ILE A 78 0.65 23.26 23.38
C ILE A 78 -0.75 23.18 22.81
N SER A 79 -1.00 22.22 21.93
CA SER A 79 -2.31 22.10 21.32
C SER A 79 -2.95 20.75 21.55
N THR A 80 -4.22 20.66 21.19
CA THR A 80 -5.03 19.45 21.26
C THR A 80 -5.71 19.26 19.91
N ALA A 81 -5.73 18.03 19.42
CA ALA A 81 -6.40 17.73 18.16
C ALA A 81 -7.08 16.37 18.29
N THR A 82 -7.95 16.04 17.35
CA THR A 82 -8.61 14.76 17.36
C THR A 82 -8.54 14.16 15.96
N ILE A 83 -8.55 12.85 15.86
CA ILE A 83 -8.58 12.18 14.56
C ILE A 83 -10.00 11.61 14.48
N ILE A 84 -10.69 11.90 13.39
CA ILE A 84 -12.07 11.46 13.11
C ILE A 84 -12.11 10.58 11.88
N THR A 85 -13.01 9.58 11.87
CA THR A 85 -13.21 8.75 10.68
C THR A 85 -14.46 9.35 10.04
N ARG A 86 -14.45 9.48 8.72
CA ARG A 86 -15.61 10.04 8.03
C ARG A 86 -16.49 8.95 7.44
N GLU A 87 -16.12 7.70 7.66
CA GLU A 87 -16.91 6.59 7.16
C GLU A 87 -16.86 5.40 8.12
N ALA A 88 -17.84 4.52 7.95
CA ALA A 88 -17.93 3.32 8.75
C ALA A 88 -16.82 2.34 8.39
N GLY A 89 -16.52 1.42 9.28
CA GLY A 89 -15.50 0.40 9.00
C GLY A 89 -15.00 -0.23 10.28
N VAL A 90 -13.79 -0.77 10.19
CA VAL A 90 -13.12 -1.40 11.31
C VAL A 90 -11.80 -0.67 11.56
N PHE A 91 -11.56 -0.37 12.84
CA PHE A 91 -10.36 0.34 13.21
C PHE A 91 -9.18 -0.55 13.39
N CYS A 92 -8.01 -0.04 12.99
CA CYS A 92 -6.77 -0.76 13.16
C CYS A 92 -5.62 0.20 12.98
N GLY A 93 -4.56 -0.03 13.76
CA GLY A 93 -3.35 0.76 13.66
C GLY A 93 -2.90 1.54 14.86
N GLN A 94 -3.55 1.33 16.01
CA GLN A 94 -3.24 2.07 17.24
C GLN A 94 -1.75 2.11 17.57
N LEU A 95 -1.12 0.95 17.50
CA LEU A 95 0.30 0.80 17.82
C LEU A 95 1.21 1.62 16.90
N TRP A 96 0.85 1.70 15.62
CA TRP A 96 1.63 2.46 14.65
C TRP A 96 1.50 3.98 14.89
N ALA A 97 0.29 4.44 15.18
CA ALA A 97 0.08 5.86 15.46
C ALA A 97 0.82 6.25 16.75
N ASP A 98 0.79 5.38 17.76
CA ASP A 98 1.54 5.61 19.01
C ASP A 98 3.04 5.73 18.76
N GLU A 99 3.55 4.84 17.92
CA GLU A 99 4.97 4.80 17.58
C GLU A 99 5.38 6.08 16.85
N VAL A 100 4.54 6.60 15.95
CA VAL A 100 4.86 7.88 15.26
C VAL A 100 5.22 8.94 16.31
N PHE A 101 4.38 9.09 17.32
CA PHE A 101 4.62 10.12 18.33
C PHE A 101 5.79 9.79 19.30
N LYS A 102 6.01 8.52 19.58
CA LYS A 102 7.13 8.10 20.40
C LYS A 102 8.43 8.47 19.64
N GLN A 103 8.48 8.15 18.36
CA GLN A 103 9.64 8.44 17.53
C GLN A 103 9.90 9.93 17.36
N LEU A 104 8.84 10.75 17.38
CA LEU A 104 9.03 12.20 17.29
C LEU A 104 9.42 12.85 18.62
N GLY A 105 9.62 12.06 19.66
CA GLY A 105 10.02 12.62 20.96
C GLY A 105 9.18 12.29 22.17
N GLY A 106 8.02 11.65 21.99
CA GLY A 106 7.17 11.28 23.12
C GLY A 106 6.48 12.39 23.90
N GLN A 107 6.49 13.61 23.40
CA GLN A 107 5.83 14.74 24.10
C GLN A 107 4.32 14.74 23.91
N VAL A 108 3.85 14.08 22.87
CA VAL A 108 2.43 14.02 22.58
C VAL A 108 1.83 12.86 23.37
N SER A 109 0.73 13.14 24.04
CA SER A 109 -0.02 12.18 24.81
C SER A 109 -1.24 11.86 23.94
N ILE A 110 -1.62 10.59 23.82
CA ILE A 110 -2.77 10.17 23.00
C ILE A 110 -3.80 9.40 23.84
N GLU A 111 -5.04 9.87 23.83
CA GLU A 111 -6.14 9.19 24.52
C GLU A 111 -6.97 8.51 23.42
N TRP A 112 -6.92 7.17 23.35
CA TRP A 112 -7.68 6.42 22.36
C TRP A 112 -9.12 6.17 22.82
N HIS A 113 -10.07 6.40 21.91
CA HIS A 113 -11.49 6.21 22.20
C HIS A 113 -11.99 4.94 21.52
N VAL A 114 -11.10 4.24 20.83
CA VAL A 114 -11.39 3.01 20.14
C VAL A 114 -10.20 2.09 20.31
N GLN A 115 -10.40 0.81 20.02
CA GLN A 115 -9.36 -0.21 20.11
C GLN A 115 -9.32 -0.99 18.80
N ASP A 116 -8.15 -1.49 18.43
CA ASP A 116 -8.00 -2.29 17.21
C ASP A 116 -9.07 -3.35 17.18
N GLY A 117 -9.76 -3.48 16.05
CA GLY A 117 -10.84 -4.46 15.88
C GLY A 117 -12.24 -3.87 16.04
N ASP A 118 -12.36 -2.70 16.65
CA ASP A 118 -13.67 -2.05 16.86
C ASP A 118 -14.36 -1.62 15.58
N THR A 119 -15.68 -1.73 15.57
CA THR A 119 -16.48 -1.31 14.43
C THR A 119 -16.66 0.18 14.58
N LEU A 120 -16.55 0.92 13.48
CA LEU A 120 -16.69 2.38 13.49
C LEU A 120 -17.90 2.87 12.72
N THR A 121 -18.40 4.03 13.11
CA THR A 121 -19.53 4.67 12.42
C THR A 121 -18.99 5.99 11.84
N PRO A 122 -19.69 6.55 10.86
CA PRO A 122 -19.21 7.80 10.30
C PRO A 122 -19.10 8.92 11.36
N ASN A 123 -18.05 9.72 11.23
CA ASN A 123 -17.77 10.84 12.12
C ASN A 123 -17.41 10.51 13.56
N GLN A 124 -17.07 9.26 13.83
CA GLN A 124 -16.69 8.83 15.15
C GLN A 124 -15.26 9.28 15.47
N THR A 125 -15.04 9.69 16.71
CA THR A 125 -13.73 10.15 17.13
C THR A 125 -12.87 8.95 17.48
N LEU A 126 -11.68 8.91 16.91
CA LEU A 126 -10.78 7.79 17.18
C LEU A 126 -9.89 8.06 18.39
N CYS A 127 -9.32 9.26 18.42
CA CYS A 127 -8.43 9.66 19.49
C CYS A 127 -8.31 11.16 19.59
N THR A 128 -7.84 11.60 20.77
CA THR A 128 -7.58 12.99 21.07
C THR A 128 -6.07 13.05 21.42
N LEU A 129 -5.35 13.96 20.78
CA LEU A 129 -3.91 14.08 21.00
C LEU A 129 -3.60 15.42 21.61
N THR A 130 -2.63 15.47 22.53
CA THR A 130 -2.24 16.72 23.16
C THR A 130 -0.73 16.82 23.31
N GLY A 131 -0.16 17.96 22.97
CA GLY A 131 1.29 18.15 23.08
C GLY A 131 1.75 19.37 22.29
N PRO A 132 3.09 19.52 22.15
CA PRO A 132 3.67 20.62 21.41
C PRO A 132 3.05 20.69 20.04
N ALA A 133 2.52 21.87 19.68
CA ALA A 133 1.85 22.09 18.39
C ALA A 133 2.68 21.70 17.20
N ARG A 134 3.95 22.08 17.20
CA ARG A 134 4.82 21.73 16.07
C ARG A 134 4.92 20.22 15.87
N ILE A 135 4.95 19.47 16.99
CA ILE A 135 5.05 18.02 16.93
C ILE A 135 3.73 17.42 16.41
N LEU A 136 2.58 17.94 16.86
CA LEU A 136 1.29 17.44 16.39
C LEU A 136 1.18 17.66 14.89
N LEU A 137 1.62 18.83 14.42
CA LEU A 137 1.58 19.19 12.99
C LEU A 137 2.46 18.27 12.16
N THR A 138 3.63 17.94 12.66
CA THR A 138 4.56 17.06 11.95
C THR A 138 4.07 15.60 11.94
N GLY A 139 3.59 15.12 13.08
CA GLY A 139 3.15 13.74 13.16
C GLY A 139 1.78 13.37 12.61
N GLU A 140 0.85 14.32 12.59
N GLU A 140 0.89 14.36 12.56
CA GLU A 140 -0.53 14.05 12.15
CA GLU A 140 -0.49 14.22 12.08
C GLU A 140 -0.72 13.27 10.84
C GLU A 140 -0.70 13.32 10.87
N ARG A 141 -0.14 13.74 9.74
CA ARG A 141 -0.30 13.07 8.47
C ARG A 141 0.28 11.64 8.52
N ASN A 142 1.43 11.52 9.17
CA ASN A 142 2.10 10.25 9.31
C ASN A 142 1.26 9.22 10.08
N ALA A 143 0.71 9.64 11.21
CA ALA A 143 -0.12 8.79 12.02
C ALA A 143 -1.36 8.42 11.21
N MET A 144 -1.95 9.40 10.55
CA MET A 144 -3.14 9.15 9.76
C MET A 144 -2.91 8.20 8.61
N ASN A 145 -1.74 8.29 7.97
CA ASN A 145 -1.39 7.41 6.86
C ASN A 145 -1.38 5.93 7.32
N PHE A 146 -0.93 5.68 8.55
CA PHE A 146 -0.94 4.31 9.08
C PHE A 146 -2.34 3.84 9.40
N ILE A 147 -3.09 4.65 10.14
CA ILE A 147 -4.45 4.27 10.51
C ILE A 147 -5.36 4.05 9.30
N GLN A 148 -5.24 4.91 8.28
CA GLN A 148 -6.12 4.80 7.12
C GLN A 148 -5.79 3.54 6.32
N THR A 149 -4.53 3.16 6.32
CA THR A 149 -4.08 2.00 5.59
C THR A 149 -4.51 0.71 6.25
N LEU A 150 -4.15 0.57 7.53
CA LEU A 150 -4.47 -0.63 8.29
C LEU A 150 -5.99 -0.74 8.51
N SER A 151 -6.65 0.37 8.81
CA SER A 151 -8.10 0.30 8.99
C SER A 151 -8.77 -0.04 7.66
N GLY A 152 -8.20 0.44 6.56
CA GLY A 152 -8.77 0.17 5.23
C GLY A 152 -8.74 -1.31 4.92
N CYS A 153 -7.63 -1.95 5.28
CA CYS A 153 -7.45 -3.35 5.11
C CYS A 153 -8.40 -4.14 6.02
N ALA A 154 -8.50 -3.71 7.29
CA ALA A 154 -9.39 -4.36 8.25
C ALA A 154 -10.84 -4.21 7.79
N THR A 155 -11.19 -3.02 7.30
CA THR A 155 -12.54 -2.75 6.82
C THR A 155 -12.94 -3.61 5.62
N ALA A 156 -12.07 -3.71 4.61
CA ALA A 156 -12.35 -4.54 3.45
C ALA A 156 -12.52 -6.00 3.89
N THR A 157 -11.62 -6.46 4.76
CA THR A 157 -11.68 -7.83 5.26
C THR A 157 -13.05 -8.10 5.89
N ALA A 158 -13.48 -7.21 6.78
CA ALA A 158 -14.75 -7.36 7.45
C ALA A 158 -15.90 -7.50 6.45
N ARG A 159 -15.81 -6.80 5.32
N ARG A 159 -15.84 -6.81 5.30
CA ARG A 159 -16.83 -6.84 4.27
CA ARG A 159 -16.92 -6.92 4.31
C ARG A 159 -16.96 -8.25 3.68
C ARG A 159 -16.98 -8.33 3.72
N TYR A 160 -15.83 -8.89 3.41
CA TYR A 160 -15.79 -10.25 2.89
C TYR A 160 -16.30 -11.21 3.96
N VAL A 161 -15.82 -11.04 5.20
CA VAL A 161 -16.27 -11.88 6.31
C VAL A 161 -17.80 -11.82 6.46
N GLN A 162 -18.39 -10.64 6.25
N GLN A 162 -18.35 -10.64 6.20
CA GLN A 162 -19.85 -10.52 6.36
CA GLN A 162 -19.79 -10.37 6.26
C GLN A 162 -20.52 -11.45 5.34
C GLN A 162 -20.53 -11.32 5.31
N GLU A 163 -19.95 -11.58 4.15
CA GLU A 163 -20.54 -12.49 3.14
C GLU A 163 -20.46 -13.97 3.51
N LEU A 164 -19.56 -14.33 4.42
CA LEU A 164 -19.45 -15.71 4.82
C LEU A 164 -20.39 -16.11 5.97
N LYS A 165 -21.05 -15.15 6.62
CA LYS A 165 -21.95 -15.42 7.78
C LYS A 165 -22.64 -16.78 7.99
N GLY A 166 -23.54 -17.14 7.09
CA GLY A 166 -24.30 -18.41 7.27
C GLY A 166 -23.52 -19.69 7.08
N THR A 167 -22.25 -19.58 6.64
CA THR A 167 -21.40 -20.73 6.35
C THR A 167 -20.31 -20.97 7.42
N GLN A 168 -19.64 -22.11 7.34
CA GLN A 168 -18.53 -22.45 8.24
C GLN A 168 -17.22 -22.07 7.54
N CYS A 169 -17.31 -21.39 6.41
CA CYS A 169 -16.14 -21.00 5.62
C CYS A 169 -15.37 -19.84 6.24
N ARG A 170 -14.05 -19.93 6.17
N ARG A 170 -14.05 -19.92 6.17
CA ARG A 170 -13.15 -18.91 6.70
CA ARG A 170 -13.17 -18.89 6.71
C ARG A 170 -12.39 -18.23 5.59
C ARG A 170 -12.34 -18.25 5.63
N LEU A 171 -12.05 -16.96 5.82
CA LEU A 171 -11.31 -16.16 4.88
C LEU A 171 -9.82 -16.20 5.18
N LEU A 172 -9.00 -16.48 4.15
CA LEU A 172 -7.55 -16.51 4.32
C LEU A 172 -6.89 -15.42 3.47
N ASP A 173 -5.75 -14.94 3.96
CA ASP A 173 -4.95 -13.96 3.24
C ASP A 173 -3.92 -14.74 2.39
N THR A 174 -3.02 -14.01 1.74
CA THR A 174 -2.06 -14.60 0.83
C THR A 174 -0.73 -13.86 0.95
N ARG A 175 0.19 -14.18 0.04
CA ARG A 175 1.49 -13.49 -0.01
C ARG A 175 1.47 -12.29 -0.97
N LYS A 176 0.29 -11.92 -1.51
CA LYS A 176 0.14 -10.78 -2.40
C LYS A 176 -0.15 -9.58 -1.51
N THR A 177 0.92 -9.01 -1.00
CA THR A 177 0.82 -7.93 -0.05
C THR A 177 1.66 -6.73 -0.51
N ILE A 178 1.21 -5.55 -0.09
CA ILE A 178 1.90 -4.31 -0.40
C ILE A 178 3.28 -4.42 0.25
N PRO A 179 4.35 -4.22 -0.53
CA PRO A 179 5.74 -4.30 0.00
C PRO A 179 5.99 -3.52 1.29
N GLY A 180 6.70 -4.15 2.22
CA GLY A 180 7.05 -3.56 3.51
C GLY A 180 5.99 -3.63 4.59
N LEU A 181 4.78 -4.00 4.21
CA LEU A 181 3.66 -4.04 5.14
C LEU A 181 3.06 -5.40 5.36
N ARG A 182 3.78 -6.46 5.01
CA ARG A 182 3.29 -7.84 5.20
C ARG A 182 2.77 -8.09 6.62
N SER A 183 3.59 -7.89 7.65
CA SER A 183 3.09 -8.18 9.01
C SER A 183 1.97 -7.25 9.45
N ALA A 184 2.01 -5.98 9.05
CA ALA A 184 0.96 -5.03 9.43
C ALA A 184 -0.38 -5.42 8.80
N LEU A 185 -0.33 -5.83 7.53
CA LEU A 185 -1.52 -6.25 6.80
C LEU A 185 -2.01 -7.62 7.27
N LYS A 186 -1.11 -8.53 7.65
CA LYS A 186 -1.58 -9.84 8.15
C LYS A 186 -2.34 -9.57 9.42
N TYR A 187 -1.81 -8.64 10.22
CA TYR A 187 -2.47 -8.23 11.45
C TYR A 187 -3.82 -7.54 11.19
N ALA A 188 -3.88 -6.66 10.19
CA ALA A 188 -5.13 -5.94 9.86
C ALA A 188 -6.22 -6.93 9.39
N VAL A 189 -5.82 -7.93 8.61
CA VAL A 189 -6.76 -8.97 8.16
C VAL A 189 -7.34 -9.67 9.41
N ALA A 190 -6.48 -9.99 10.39
CA ALA A 190 -6.95 -10.63 11.63
C ALA A 190 -7.92 -9.71 12.35
N CYS A 191 -7.62 -8.40 12.43
CA CYS A 191 -8.53 -7.44 13.07
C CYS A 191 -9.88 -7.35 12.41
N GLY A 192 -9.91 -7.58 11.11
CA GLY A 192 -11.14 -7.53 10.37
C GLY A 192 -11.90 -8.83 10.40
N GLY A 193 -11.35 -9.86 11.05
CA GLY A 193 -12.03 -11.14 11.18
C GLY A 193 -11.61 -12.24 10.22
N GLY A 194 -10.53 -11.98 9.48
CA GLY A 194 -9.98 -12.94 8.54
C GLY A 194 -8.95 -13.77 9.26
N TYR A 195 -8.40 -14.75 8.58
CA TYR A 195 -7.39 -15.63 9.16
C TYR A 195 -6.13 -15.55 8.35
N ASN A 196 -5.02 -15.80 9.01
CA ASN A 196 -3.74 -15.75 8.36
C ASN A 196 -3.28 -17.09 7.82
N HIS A 197 -2.85 -17.07 6.58
CA HIS A 197 -2.29 -18.20 5.89
C HIS A 197 -0.79 -18.08 6.24
N ARG A 198 0.07 -18.82 5.57
CA ARG A 198 1.50 -18.74 5.86
C ARG A 198 2.03 -17.30 5.78
N ILE A 199 2.97 -16.96 6.64
CA ILE A 199 3.51 -15.60 6.65
C ILE A 199 4.42 -15.34 5.47
N GLY A 200 5.23 -16.34 5.13
CA GLY A 200 6.15 -16.22 4.05
C GLY A 200 6.44 -17.57 3.43
N VAL A 201 7.63 -17.71 2.88
CA VAL A 201 8.04 -18.93 2.24
C VAL A 201 8.80 -19.88 3.19
N PHE A 202 9.01 -19.44 4.43
CA PHE A 202 9.77 -20.21 5.42
C PHE A 202 8.95 -21.05 6.36
N ASP A 203 7.70 -20.69 6.57
CA ASP A 203 6.85 -21.39 7.56
C ASP A 203 5.88 -22.47 7.08
N ALA A 204 5.74 -22.66 5.77
CA ALA A 204 4.85 -23.70 5.26
C ALA A 204 5.12 -23.95 3.80
N TYR A 205 4.77 -25.15 3.35
CA TYR A 205 4.94 -25.49 1.96
C TYR A 205 3.68 -25.17 1.17
N LEU A 206 3.89 -24.82 -0.09
CA LEU A 206 2.81 -24.59 -1.05
C LEU A 206 3.31 -25.26 -2.32
N ILE A 207 3.11 -26.57 -2.37
CA ILE A 207 3.52 -27.45 -3.48
C ILE A 207 2.63 -27.24 -4.73
N LYS A 208 3.28 -26.98 -5.86
CA LYS A 208 2.62 -26.74 -7.13
C LYS A 208 3.11 -27.72 -8.20
N GLU A 209 2.54 -27.61 -9.40
CA GLU A 209 2.89 -28.52 -10.52
C GLU A 209 4.37 -28.65 -10.77
N ASN A 210 5.13 -27.56 -10.73
CA ASN A 210 6.56 -27.71 -11.02
C ASN A 210 7.29 -28.54 -9.98
N HIS A 211 6.88 -28.45 -8.71
CA HIS A 211 7.54 -29.22 -7.66
C HIS A 211 7.15 -30.69 -7.80
N ILE A 212 5.91 -30.94 -8.24
CA ILE A 212 5.40 -32.30 -8.43
C ILE A 212 6.18 -32.99 -9.56
N ILE A 213 6.34 -32.30 -10.69
CA ILE A 213 7.07 -32.83 -11.85
C ILE A 213 8.54 -33.09 -11.47
N ALA A 214 9.12 -32.18 -10.71
CA ALA A 214 10.52 -32.30 -10.27
C ALA A 214 10.73 -33.50 -9.34
N CYS A 215 9.75 -33.77 -8.48
CA CYS A 215 9.84 -34.89 -7.53
C CYS A 215 9.33 -36.22 -8.10
N GLY A 216 8.64 -36.18 -9.24
CA GLY A 216 8.11 -37.40 -9.89
C GLY A 216 6.71 -37.81 -9.46
N GLY A 217 5.94 -36.89 -8.91
CA GLY A 217 4.58 -37.17 -8.47
C GLY A 217 4.25 -36.44 -7.18
N ILE A 218 2.97 -36.48 -6.79
CA ILE A 218 2.50 -35.81 -5.57
C ILE A 218 2.95 -36.48 -4.27
N ARG A 219 2.82 -37.80 -4.14
CA ARG A 219 3.27 -38.43 -2.89
C ARG A 219 4.78 -38.25 -2.73
N GLN A 220 5.51 -38.26 -3.84
CA GLN A 220 6.96 -38.06 -3.80
C GLN A 220 7.28 -36.64 -3.27
N ALA A 221 6.58 -35.66 -3.80
CA ALA A 221 6.78 -34.27 -3.38
C ALA A 221 6.46 -34.10 -1.89
N ILE A 222 5.33 -34.67 -1.46
CA ILE A 222 4.89 -34.55 -0.06
C ILE A 222 5.80 -35.25 0.92
N SER A 223 6.31 -36.45 0.60
CA SER A 223 7.20 -37.13 1.53
C SER A 223 8.56 -36.43 1.55
N THR A 224 9.00 -35.89 0.42
CA THR A 224 10.27 -35.18 0.44
C THR A 224 10.12 -33.90 1.28
N ALA A 225 8.94 -33.27 1.25
CA ALA A 225 8.72 -32.05 2.05
C ALA A 225 8.74 -32.34 3.56
N LYS A 226 7.99 -33.34 3.98
CA LYS A 226 7.93 -33.70 5.41
C LYS A 226 9.29 -34.11 5.97
N GLN A 227 10.11 -34.72 5.13
CA GLN A 227 11.45 -35.13 5.52
C GLN A 227 12.36 -33.94 5.78
N LEU A 228 12.44 -33.00 4.82
CA LEU A 228 13.32 -31.82 4.96
C LEU A 228 12.96 -30.85 6.07
N ASN A 229 11.67 -30.71 6.37
CA ASN A 229 11.19 -29.77 7.39
C ASN A 229 9.98 -30.43 8.06
N PRO A 230 10.23 -31.38 8.98
CA PRO A 230 9.21 -32.18 9.66
C PRO A 230 7.91 -31.54 10.13
N GLY A 231 7.95 -30.52 10.96
CA GLY A 231 6.69 -29.95 11.44
C GLY A 231 5.96 -28.94 10.55
N LYS A 232 6.54 -28.61 9.41
CA LYS A 232 5.93 -27.61 8.54
C LYS A 232 4.66 -28.10 7.83
N PRO A 233 3.58 -27.32 7.90
CA PRO A 233 2.35 -27.73 7.22
C PRO A 233 2.56 -27.83 5.71
N VAL A 234 1.88 -28.80 5.09
CA VAL A 234 2.01 -29.03 3.67
C VAL A 234 0.72 -28.80 2.91
N GLU A 235 0.75 -27.80 2.03
CA GLU A 235 -0.39 -27.49 1.18
C GLU A 235 0.00 -27.83 -0.26
N VAL A 236 -0.95 -28.35 -1.02
CA VAL A 236 -0.72 -28.70 -2.42
C VAL A 236 -1.75 -28.00 -3.29
N GLU A 237 -1.29 -27.33 -4.34
CA GLU A 237 -2.18 -26.64 -5.29
C GLU A 237 -2.58 -27.63 -6.40
N THR A 238 -3.89 -27.71 -6.69
CA THR A 238 -4.42 -28.62 -7.71
C THR A 238 -5.37 -27.87 -8.64
N GLU A 239 -5.36 -28.28 -9.92
CA GLU A 239 -6.20 -27.69 -10.94
C GLU A 239 -7.32 -28.61 -11.39
N THR A 240 -7.29 -29.88 -10.94
CA THR A 240 -8.31 -30.86 -11.30
C THR A 240 -8.70 -31.74 -10.12
N LEU A 241 -9.84 -32.42 -10.26
CA LEU A 241 -10.35 -33.33 -9.24
C LEU A 241 -9.44 -34.55 -9.10
N ALA A 242 -8.84 -35.01 -10.21
CA ALA A 242 -7.90 -36.13 -10.15
C ALA A 242 -6.70 -35.76 -9.26
N GLU A 243 -6.07 -34.60 -9.53
CA GLU A 243 -4.92 -34.13 -8.74
C GLU A 243 -5.35 -34.00 -7.26
N LEU A 244 -6.57 -33.50 -7.03
CA LEU A 244 -7.10 -33.37 -5.66
C LEU A 244 -7.07 -34.70 -4.94
N GLU A 245 -7.68 -35.73 -5.54
N GLU A 245 -7.66 -35.72 -5.57
CA GLU A 245 -7.74 -37.04 -4.89
CA GLU A 245 -7.72 -37.07 -5.03
C GLU A 245 -6.35 -37.62 -4.59
C GLU A 245 -6.35 -37.59 -4.60
N GLU A 246 -5.38 -37.44 -5.48
CA GLU A 246 -4.01 -37.93 -5.22
C GLU A 246 -3.39 -37.20 -4.04
N ALA A 247 -3.57 -35.88 -4.04
CA ALA A 247 -3.04 -35.01 -2.98
C ALA A 247 -3.57 -35.41 -1.60
N ILE A 248 -4.88 -35.65 -1.51
CA ILE A 248 -5.48 -36.03 -0.22
C ILE A 248 -4.98 -37.41 0.23
N SER A 249 -5.13 -38.41 -0.64
CA SER A 249 -4.67 -39.77 -0.30
C SER A 249 -3.14 -39.91 -0.10
N ALA A 250 -2.38 -38.90 -0.53
CA ALA A 250 -0.94 -38.88 -0.36
C ALA A 250 -0.53 -38.11 0.91
N GLY A 251 -1.52 -37.67 1.70
CA GLY A 251 -1.24 -36.98 2.97
C GLY A 251 -1.06 -35.47 3.05
N ALA A 252 -1.61 -34.71 2.12
CA ALA A 252 -1.48 -33.24 2.19
C ALA A 252 -2.39 -32.74 3.32
N ASP A 253 -1.94 -31.74 4.07
CA ASP A 253 -2.73 -31.15 5.15
C ASP A 253 -3.85 -30.26 4.58
N ILE A 254 -3.52 -29.51 3.53
CA ILE A 254 -4.44 -28.58 2.93
C ILE A 254 -4.32 -28.67 1.42
N ILE A 255 -5.44 -28.55 0.71
CA ILE A 255 -5.41 -28.57 -0.74
C ILE A 255 -5.93 -27.23 -1.23
N MET A 256 -5.16 -26.59 -2.08
CA MET A 256 -5.59 -25.34 -2.66
C MET A 256 -6.26 -25.66 -4.00
N LEU A 257 -7.52 -25.31 -4.15
CA LEU A 257 -8.25 -25.57 -5.39
C LEU A 257 -8.05 -24.35 -6.29
N ASP A 258 -7.33 -24.54 -7.38
CA ASP A 258 -7.01 -23.46 -8.33
C ASP A 258 -8.07 -23.31 -9.44
N ASN A 259 -8.82 -22.22 -9.45
CA ASN A 259 -9.85 -21.98 -10.50
C ASN A 259 -10.83 -23.11 -10.75
N PHE A 260 -11.42 -23.62 -9.68
CA PHE A 260 -12.41 -24.66 -9.81
C PHE A 260 -13.75 -23.99 -10.09
N SER A 261 -14.59 -24.67 -10.84
CA SER A 261 -15.93 -24.19 -11.07
C SER A 261 -16.73 -24.51 -9.79
N LEU A 262 -17.94 -23.98 -9.67
CA LEU A 262 -18.77 -24.32 -8.51
C LEU A 262 -19.06 -25.82 -8.46
N GLU A 263 -19.31 -26.47 -9.59
N GLU A 263 -19.27 -26.44 -9.63
CA GLU A 263 -19.59 -27.90 -9.51
CA GLU A 263 -19.55 -27.88 -9.73
C GLU A 263 -18.32 -28.69 -9.15
C GLU A 263 -18.35 -28.72 -9.28
N MET A 264 -17.16 -28.27 -9.63
CA MET A 264 -15.91 -28.95 -9.26
C MET A 264 -15.67 -28.82 -7.75
N MET A 265 -15.98 -27.65 -7.17
CA MET A 265 -15.82 -27.46 -5.72
C MET A 265 -16.72 -28.46 -4.97
N ARG A 266 -17.98 -28.59 -5.41
CA ARG A 266 -18.92 -29.51 -4.77
C ARG A 266 -18.41 -30.93 -4.88
N GLU A 267 -17.93 -31.32 -6.05
CA GLU A 267 -17.41 -32.66 -6.23
C GLU A 267 -16.20 -32.83 -5.30
N ALA A 268 -15.36 -31.80 -5.22
CA ALA A 268 -14.16 -31.81 -4.39
C ALA A 268 -14.47 -32.09 -2.91
N VAL A 269 -15.49 -31.40 -2.39
CA VAL A 269 -15.94 -31.55 -1.01
C VAL A 269 -16.41 -33.00 -0.77
N LYS A 270 -17.12 -33.56 -1.75
CA LYS A 270 -17.65 -34.93 -1.68
C LYS A 270 -16.49 -35.93 -1.65
N ILE A 271 -15.57 -35.81 -2.59
CA ILE A 271 -14.40 -36.68 -2.68
C ILE A 271 -13.55 -36.62 -1.41
N ASN A 272 -13.37 -35.41 -0.89
CA ASN A 272 -12.56 -35.20 0.29
C ASN A 272 -13.04 -35.96 1.54
N ALA A 273 -14.36 -35.99 1.73
CA ALA A 273 -14.98 -36.65 2.88
C ALA A 273 -14.26 -36.25 4.16
N GLY A 274 -14.00 -34.95 4.31
CA GLY A 274 -13.34 -34.39 5.49
C GLY A 274 -11.90 -34.74 5.79
N ARG A 275 -11.23 -35.42 4.85
CA ARG A 275 -9.84 -35.81 5.07
C ARG A 275 -8.81 -34.67 5.19
N ALA A 276 -8.88 -33.69 4.30
CA ALA A 276 -7.97 -32.55 4.33
C ALA A 276 -8.79 -31.27 4.38
N ALA A 277 -8.13 -30.15 4.65
CA ALA A 277 -8.81 -28.86 4.65
C ALA A 277 -8.78 -28.41 3.18
N LEU A 278 -9.85 -27.81 2.68
CA LEU A 278 -9.90 -27.35 1.29
C LEU A 278 -9.90 -25.83 1.23
N GLU A 279 -9.05 -25.24 0.39
CA GLU A 279 -8.96 -23.80 0.25
C GLU A 279 -9.16 -23.38 -1.20
N ASN A 280 -10.16 -22.55 -1.47
CA ASN A 280 -10.43 -22.02 -2.82
C ASN A 280 -9.55 -20.86 -3.15
N SER A 281 -8.92 -20.89 -4.33
CA SER A 281 -8.10 -19.80 -4.82
C SER A 281 -8.53 -19.56 -6.25
N GLY A 282 -9.30 -18.52 -6.49
CA GLY A 282 -9.78 -18.24 -7.84
C GLY A 282 -10.20 -16.80 -8.03
N ASN A 283 -11.00 -16.57 -9.06
CA ASN A 283 -11.49 -15.24 -9.35
C ASN A 283 -12.72 -15.08 -8.50
N ILE A 284 -12.48 -14.94 -7.20
CA ILE A 284 -13.55 -14.84 -6.20
C ILE A 284 -13.58 -13.42 -5.64
N THR A 285 -14.73 -12.78 -5.81
CA THR A 285 -14.97 -11.41 -5.40
C THR A 285 -16.17 -11.36 -4.46
N LEU A 286 -16.56 -10.16 -4.03
CA LEU A 286 -17.75 -10.02 -3.17
C LEU A 286 -18.98 -10.59 -3.82
N ASP A 287 -19.08 -10.45 -5.13
CA ASP A 287 -20.23 -10.95 -5.88
C ASP A 287 -20.48 -12.46 -5.81
N ASN A 288 -19.40 -13.26 -5.82
CA ASN A 288 -19.57 -14.71 -5.80
C ASN A 288 -18.98 -15.40 -4.57
N LEU A 289 -18.55 -14.62 -3.58
CA LEU A 289 -17.96 -15.19 -2.38
C LEU A 289 -18.93 -16.13 -1.68
N LYS A 290 -20.16 -15.67 -1.46
CA LYS A 290 -21.17 -16.47 -0.78
C LYS A 290 -21.43 -17.79 -1.50
N GLU A 291 -21.68 -17.71 -2.80
CA GLU A 291 -21.94 -18.93 -3.60
C GLU A 291 -20.77 -19.91 -3.51
N CYS A 292 -19.53 -19.40 -3.58
CA CYS A 292 -18.35 -20.26 -3.47
C CYS A 292 -18.30 -20.86 -2.06
N ALA A 293 -18.60 -20.08 -1.03
CA ALA A 293 -18.59 -20.58 0.34
C ALA A 293 -19.64 -21.68 0.52
N GLU A 294 -20.77 -21.52 -0.14
CA GLU A 294 -21.86 -22.48 -0.01
C GLU A 294 -21.61 -23.85 -0.67
N THR A 295 -20.46 -24.05 -1.30
CA THR A 295 -20.11 -25.33 -1.90
C THR A 295 -19.56 -26.30 -0.84
N GLY A 296 -19.20 -25.76 0.33
CA GLY A 296 -18.65 -26.55 1.44
C GLY A 296 -17.14 -26.49 1.60
N VAL A 297 -16.45 -25.69 0.78
CA VAL A 297 -15.01 -25.58 0.89
C VAL A 297 -14.70 -24.90 2.27
N ASP A 298 -13.64 -25.33 2.95
CA ASP A 298 -13.30 -24.81 4.28
C ASP A 298 -12.81 -23.36 4.34
N TYR A 299 -12.07 -22.97 3.30
CA TYR A 299 -11.49 -21.64 3.23
C TYR A 299 -11.52 -21.05 1.84
N ILE A 300 -11.49 -19.72 1.78
CA ILE A 300 -11.39 -18.98 0.52
C ILE A 300 -10.21 -18.00 0.68
N SER A 301 -9.20 -18.08 -0.17
CA SER A 301 -8.09 -17.15 -0.03
C SER A 301 -8.35 -15.97 -0.95
N VAL A 302 -8.15 -14.78 -0.42
CA VAL A 302 -8.44 -13.58 -1.19
C VAL A 302 -7.25 -12.64 -1.26
N GLY A 303 -6.61 -12.59 -2.42
CA GLY A 303 -5.45 -11.72 -2.61
C GLY A 303 -5.82 -10.25 -2.44
N ALA A 304 -7.05 -9.91 -2.85
CA ALA A 304 -7.56 -8.56 -2.79
C ALA A 304 -7.49 -7.89 -1.44
N LEU A 305 -7.54 -8.66 -0.36
CA LEU A 305 -7.51 -8.09 0.97
C LEU A 305 -6.23 -7.33 1.33
N THR A 306 -5.12 -7.77 0.76
CA THR A 306 -3.82 -7.19 1.03
C THR A 306 -3.08 -6.64 -0.21
N LYS A 307 -3.55 -6.91 -1.45
CA LYS A 307 -2.86 -6.39 -2.65
C LYS A 307 -3.43 -5.06 -3.07
N HIS A 308 -4.71 -4.86 -2.76
CA HIS A 308 -5.38 -3.64 -3.04
C HIS A 308 -5.60 -2.89 -1.74
N LEU A 309 -6.00 -1.63 -1.86
CA LEU A 309 -6.29 -0.83 -0.68
C LEU A 309 -7.30 0.25 -0.91
N LYS A 310 -8.29 0.27 -0.04
CA LYS A 310 -9.30 1.32 -0.03
C LYS A 310 -9.06 1.89 1.35
N ALA A 311 -8.31 2.99 1.40
CA ALA A 311 -7.98 3.65 2.65
C ALA A 311 -9.23 4.21 3.31
N LEU A 312 -9.31 4.09 4.63
CA LEU A 312 -10.42 4.62 5.41
C LEU A 312 -10.23 6.16 5.41
N ASP A 313 -11.29 6.88 5.12
CA ASP A 313 -11.20 8.33 5.06
C ASP A 313 -11.17 8.94 6.48
N LEU A 314 -10.04 9.57 6.80
CA LEU A 314 -9.85 10.17 8.11
C LEU A 314 -9.70 11.67 7.97
N SER A 315 -9.89 12.33 9.10
CA SER A 315 -9.79 13.76 9.16
C SER A 315 -9.26 14.16 10.54
N MET A 316 -8.39 15.17 10.60
CA MET A 316 -7.85 15.64 11.88
C MET A 316 -8.35 17.03 12.17
N ARG A 317 -8.93 17.18 13.34
CA ARG A 317 -9.48 18.44 13.77
C ARG A 317 -8.72 19.02 14.96
N PHE A 318 -8.21 20.22 14.79
CA PHE A 318 -7.53 20.90 15.88
C PHE A 318 -8.56 21.66 16.70
N LYS A 319 -8.65 21.34 17.99
CA LYS A 319 -9.59 22.00 18.88
C LYS A 319 -8.96 23.33 19.24
N SER A 320 -7.69 23.31 19.61
CA SER A 320 -6.94 24.53 19.88
C SER A 320 -5.86 24.56 18.80
N SER B 22 5.58 32.70 -15.93
CA SER B 22 4.33 32.75 -15.10
C SER B 22 4.44 31.79 -13.91
N ASN B 23 3.62 32.02 -12.88
CA ASN B 23 3.65 31.13 -11.72
C ASN B 23 3.25 29.69 -12.03
N ALA B 24 2.25 29.48 -12.89
CA ALA B 24 1.84 28.12 -13.26
C ALA B 24 3.03 27.34 -13.89
N MET B 25 3.78 27.99 -14.79
N MET B 25 3.78 28.01 -14.78
CA MET B 25 4.95 27.33 -15.40
CA MET B 25 4.96 27.44 -15.42
C MET B 25 6.07 27.14 -14.38
C MET B 25 6.05 27.16 -14.39
N LYS B 26 6.17 28.06 -13.42
CA LYS B 26 7.17 27.94 -12.36
C LYS B 26 6.94 26.65 -11.54
N GLU B 27 5.67 26.30 -11.32
N GLU B 27 5.67 26.29 -11.34
CA GLU B 27 5.35 25.07 -10.57
CA GLU B 27 5.32 25.08 -10.60
C GLU B 27 5.80 23.82 -11.34
C GLU B 27 5.78 23.83 -11.35
N THR B 28 5.75 23.88 -12.68
CA THR B 28 6.20 22.74 -13.51
C THR B 28 7.72 22.57 -13.22
N HIS B 29 8.42 23.68 -13.05
CA HIS B 29 9.86 23.64 -12.72
C HIS B 29 10.04 23.06 -11.30
N ASN B 30 9.21 23.47 -10.34
CA ASN B 30 9.28 22.89 -8.96
C ASN B 30 9.05 21.37 -8.99
N SER B 31 8.07 20.95 -9.80
CA SER B 31 7.76 19.54 -9.95
C SER B 31 8.94 18.78 -10.51
N GLN B 32 9.67 19.37 -11.45
CA GLN B 32 10.84 18.67 -12.01
C GLN B 32 11.99 18.63 -11.00
N ASP B 33 12.13 19.68 -10.17
CA ASP B 33 13.17 19.71 -9.13
C ASP B 33 12.91 18.60 -8.13
N ARG B 34 11.65 18.42 -7.76
CA ARG B 34 11.26 17.34 -6.84
C ARG B 34 11.51 15.96 -7.44
N LEU B 35 11.23 15.80 -8.73
CA LEU B 35 11.46 14.49 -9.37
C LEU B 35 12.97 14.21 -9.40
N ALA B 36 13.77 15.27 -9.56
CA ALA B 36 15.23 15.18 -9.55
C ALA B 36 15.75 14.71 -8.18
N TYR B 37 15.25 15.33 -7.10
CA TYR B 37 15.62 14.95 -5.73
C TYR B 37 15.25 13.48 -5.50
N LEU B 38 14.10 13.12 -6.04
CA LEU B 38 13.55 11.80 -5.92
C LEU B 38 14.44 10.77 -6.62
N LYS B 39 14.81 11.04 -7.86
CA LYS B 39 15.67 10.12 -8.62
C LYS B 39 17.03 9.92 -7.92
N GLN B 40 17.51 10.96 -7.25
CA GLN B 40 18.76 10.96 -6.52
C GLN B 40 18.70 10.07 -5.26
N GLN B 41 17.53 10.03 -4.64
N GLN B 41 17.53 10.02 -4.66
CA GLN B 41 17.29 9.25 -3.43
CA GLN B 41 17.31 9.25 -3.44
C GLN B 41 16.75 7.83 -3.69
C GLN B 41 16.76 7.83 -3.69
N LEU B 42 16.24 7.59 -4.90
CA LEU B 42 15.67 6.27 -5.24
C LEU B 42 16.55 5.02 -5.04
N PRO B 43 17.81 5.02 -5.48
CA PRO B 43 18.63 3.83 -5.27
C PRO B 43 18.60 3.34 -3.83
N ALA B 44 18.79 4.27 -2.88
CA ALA B 44 18.76 3.94 -1.46
C ALA B 44 17.37 3.50 -1.01
N ASP B 45 16.32 4.20 -1.45
CA ASP B 45 14.94 3.83 -1.12
C ASP B 45 14.57 2.47 -1.72
N ILE B 46 15.02 2.20 -2.94
CA ILE B 46 14.75 0.92 -3.58
C ILE B 46 15.38 -0.23 -2.76
N THR B 47 16.65 -0.07 -2.41
CA THR B 47 17.36 -1.06 -1.61
C THR B 47 16.65 -1.27 -0.27
N ARG B 48 16.30 -0.19 0.42
CA ARG B 48 15.59 -0.31 1.70
C ARG B 48 14.27 -1.10 1.59
N SER B 49 13.38 -0.75 0.67
CA SER B 49 12.12 -1.46 0.57
C SER B 49 12.30 -2.89 0.19
N VAL B 50 13.23 -3.16 -0.72
CA VAL B 50 13.45 -4.52 -1.17
C VAL B 50 13.97 -5.42 -0.06
N ILE B 51 14.92 -4.93 0.73
CA ILE B 51 15.45 -5.70 1.84
C ILE B 51 14.35 -6.02 2.87
N ASP B 52 13.57 -5.01 3.21
CA ASP B 52 12.52 -5.22 4.16
C ASP B 52 11.47 -6.23 3.65
N THR B 53 11.22 -6.21 2.34
CA THR B 53 10.22 -7.08 1.72
C THR B 53 10.74 -8.51 1.70
N LEU B 54 12.00 -8.70 1.28
CA LEU B 54 12.59 -10.05 1.25
C LEU B 54 12.68 -10.58 2.66
N LYS B 55 13.11 -9.75 3.59
CA LYS B 55 13.20 -10.19 4.98
C LYS B 55 11.89 -10.70 5.52
N GLU B 56 10.80 -9.97 5.30
N GLU B 56 10.80 -9.97 5.28
CA GLU B 56 9.48 -10.39 5.77
CA GLU B 56 9.47 -10.35 5.76
C GLU B 56 9.13 -11.75 5.17
C GLU B 56 9.03 -11.69 5.14
N ASP B 57 9.38 -11.93 3.88
CA ASP B 57 9.03 -13.18 3.21
C ASP B 57 9.87 -14.38 3.63
N LEU B 58 11.16 -14.15 3.92
CA LEU B 58 12.09 -15.19 4.31
C LEU B 58 12.14 -15.43 5.81
N GLY B 59 11.42 -14.63 6.60
CA GLY B 59 11.40 -14.84 8.04
C GLY B 59 12.53 -14.21 8.83
N GLY B 60 12.92 -12.99 8.48
CA GLY B 60 13.97 -12.27 9.22
C GLY B 60 15.40 -12.41 8.72
N THR B 61 15.57 -13.03 7.55
CA THR B 61 16.89 -13.24 6.97
C THR B 61 16.86 -12.91 5.49
N LEU B 62 18.02 -12.70 4.90
CA LEU B 62 18.10 -12.45 3.45
C LEU B 62 18.61 -13.72 2.74
N ASP B 63 18.71 -14.82 3.46
CA ASP B 63 19.17 -16.07 2.85
C ASP B 63 18.03 -16.76 2.10
N PRO B 64 18.16 -16.87 0.76
CA PRO B 64 17.11 -17.52 -0.01
C PRO B 64 16.89 -19.00 0.29
N ALA B 65 17.80 -19.64 1.00
CA ALA B 65 17.62 -21.06 1.33
C ALA B 65 16.47 -21.24 2.33
N ALA B 66 15.99 -20.15 2.91
CA ALA B 66 14.85 -20.21 3.85
C ALA B 66 13.52 -20.59 3.16
N ASP B 67 13.46 -20.50 1.82
CA ASP B 67 12.28 -20.86 1.04
C ASP B 67 12.20 -22.41 0.98
N ILE B 68 11.42 -22.98 1.88
CA ILE B 68 11.36 -24.42 1.96
C ILE B 68 10.76 -25.12 0.73
N THR B 69 9.73 -24.54 0.10
CA THR B 69 9.11 -25.22 -1.07
C THR B 69 10.06 -25.21 -2.26
N ALA B 70 10.79 -24.11 -2.45
CA ALA B 70 11.74 -24.03 -3.55
C ALA B 70 12.85 -25.09 -3.41
N SER B 71 13.12 -25.55 -2.19
CA SER B 71 14.14 -26.55 -1.97
C SER B 71 13.75 -27.93 -2.51
N LEU B 72 12.49 -28.12 -2.94
CA LEU B 72 12.06 -29.39 -3.52
C LEU B 72 12.51 -29.48 -4.99
N ILE B 73 13.03 -28.36 -5.53
CA ILE B 73 13.52 -28.30 -6.91
C ILE B 73 15.04 -28.52 -6.85
N PRO B 74 15.60 -29.26 -7.83
CA PRO B 74 17.07 -29.48 -7.79
C PRO B 74 17.88 -28.19 -7.77
N ALA B 75 18.92 -28.15 -6.94
CA ALA B 75 19.78 -26.98 -6.78
C ALA B 75 20.38 -26.47 -8.10
N ASP B 76 20.75 -27.40 -8.97
CA ASP B 76 21.36 -27.07 -10.25
C ASP B 76 20.43 -26.65 -11.39
N ARG B 77 19.11 -26.67 -11.20
CA ARG B 77 18.23 -26.31 -12.30
C ARG B 77 18.21 -24.82 -12.68
N ILE B 78 18.28 -24.60 -13.98
CA ILE B 78 18.24 -23.28 -14.57
C ILE B 78 16.91 -23.25 -15.27
N SER B 79 16.19 -22.15 -15.11
CA SER B 79 14.88 -22.00 -15.71
C SER B 79 14.71 -20.63 -16.29
N THR B 80 13.68 -20.50 -17.09
CA THR B 80 13.32 -19.24 -17.71
C THR B 80 11.84 -19.01 -17.44
N ALA B 81 11.50 -17.79 -17.02
CA ALA B 81 10.13 -17.43 -16.75
C ALA B 81 9.84 -16.06 -17.38
N THR B 82 8.56 -15.80 -17.58
CA THR B 82 8.11 -14.55 -18.14
C THR B 82 7.05 -13.99 -17.19
N ILE B 83 7.02 -12.68 -17.01
CA ILE B 83 5.99 -12.04 -16.18
C ILE B 83 5.09 -11.30 -17.17
N ILE B 84 3.78 -11.53 -17.04
N ILE B 84 3.78 -11.53 -17.09
CA ILE B 84 2.78 -10.95 -17.91
CA ILE B 84 2.84 -10.82 -17.96
C ILE B 84 1.67 -10.18 -17.17
C ILE B 84 1.77 -10.09 -17.14
N THR B 85 1.13 -9.14 -17.80
CA THR B 85 0.03 -8.39 -17.21
C THR B 85 -1.25 -8.92 -17.87
N ARG B 86 -2.25 -9.20 -17.06
CA ARG B 86 -3.54 -9.64 -17.58
C ARG B 86 -4.41 -8.41 -17.88
N GLU B 87 -3.97 -7.25 -17.42
CA GLU B 87 -4.72 -6.02 -17.56
C GLU B 87 -3.99 -4.88 -18.24
N ALA B 88 -4.75 -3.96 -18.83
CA ALA B 88 -4.23 -2.76 -19.46
C ALA B 88 -3.83 -1.82 -18.36
N GLY B 89 -2.94 -0.89 -18.66
CA GLY B 89 -2.52 0.12 -17.70
C GLY B 89 -1.21 0.76 -18.09
N VAL B 90 -0.48 1.20 -17.07
CA VAL B 90 0.83 1.83 -17.24
C VAL B 90 1.81 1.10 -16.36
N PHE B 91 2.95 0.73 -16.96
CA PHE B 91 3.99 0.02 -16.24
C PHE B 91 4.90 0.89 -15.37
N CYS B 92 5.26 0.34 -14.21
CA CYS B 92 6.22 0.99 -13.33
C CYS B 92 6.77 -0.09 -12.39
N GLY B 93 8.05 0.03 -12.06
CA GLY B 93 8.67 -0.86 -11.12
C GLY B 93 9.87 -1.69 -11.47
N GLN B 94 10.40 -1.57 -12.68
N GLN B 94 10.38 -1.51 -12.68
CA GLN B 94 11.52 -2.41 -13.07
CA GLN B 94 11.52 -2.26 -13.17
C GLN B 94 12.73 -2.26 -12.14
C GLN B 94 12.75 -2.21 -12.26
N LEU B 95 13.04 -1.05 -11.69
CA LEU B 95 14.18 -0.84 -10.79
C LEU B 95 14.06 -1.66 -9.50
N TRP B 96 12.84 -1.75 -8.98
CA TRP B 96 12.56 -2.53 -7.75
C TRP B 96 12.65 -4.02 -8.06
N ALA B 97 12.04 -4.48 -9.15
CA ALA B 97 12.15 -5.90 -9.52
C ALA B 97 13.63 -6.30 -9.75
N ASP B 98 14.42 -5.42 -10.37
CA ASP B 98 15.86 -5.68 -10.58
C ASP B 98 16.59 -5.85 -9.24
N GLU B 99 16.26 -4.99 -8.28
CA GLU B 99 16.90 -5.01 -6.96
C GLU B 99 16.53 -6.30 -6.22
N VAL B 100 15.28 -6.77 -6.35
CA VAL B 100 14.90 -8.04 -5.72
C VAL B 100 15.91 -9.11 -6.11
N PHE B 101 16.12 -9.28 -7.41
CA PHE B 101 17.05 -10.29 -7.86
C PHE B 101 18.51 -10.02 -7.52
N LYS B 102 18.92 -8.75 -7.40
N LYS B 102 18.88 -8.74 -7.40
CA LYS B 102 20.29 -8.48 -7.01
CA LYS B 102 20.22 -8.34 -7.01
C LYS B 102 20.46 -8.90 -5.55
C LYS B 102 20.46 -8.82 -5.57
N GLN B 103 19.51 -8.51 -4.70
CA GLN B 103 19.58 -8.86 -3.28
C GLN B 103 19.58 -10.38 -3.04
N LEU B 104 18.95 -11.15 -3.93
CA LEU B 104 18.93 -12.59 -3.79
C LEU B 104 20.24 -13.25 -4.32
N GLY B 105 21.24 -12.48 -4.73
CA GLY B 105 22.51 -13.05 -5.19
C GLY B 105 22.99 -12.66 -6.58
N GLY B 106 22.10 -12.06 -7.37
CA GLY B 106 22.45 -11.62 -8.71
C GLY B 106 22.62 -12.68 -9.78
N GLN B 107 22.18 -13.89 -9.50
CA GLN B 107 22.30 -14.99 -10.46
C GLN B 107 21.21 -14.96 -11.54
N VAL B 108 20.08 -14.31 -11.25
CA VAL B 108 19.01 -14.21 -12.22
C VAL B 108 19.23 -12.96 -13.09
N SER B 109 19.07 -13.09 -14.41
CA SER B 109 19.21 -11.96 -15.33
C SER B 109 17.81 -11.70 -15.88
N ILE B 110 17.49 -10.43 -16.12
CA ILE B 110 16.15 -10.05 -16.60
C ILE B 110 16.26 -9.25 -17.89
N GLU B 111 15.46 -9.63 -18.88
CA GLU B 111 15.40 -8.90 -20.13
C GLU B 111 14.06 -8.18 -20.02
N TRP B 112 14.08 -6.85 -19.96
CA TRP B 112 12.83 -6.09 -19.88
C TRP B 112 12.27 -5.83 -21.27
N HIS B 113 10.98 -6.08 -21.46
CA HIS B 113 10.32 -5.83 -22.74
C HIS B 113 9.47 -4.55 -22.67
N VAL B 114 9.51 -3.86 -21.54
CA VAL B 114 8.80 -2.61 -21.34
C VAL B 114 9.69 -1.74 -20.47
N GLN B 115 9.39 -0.43 -20.46
N GLN B 115 9.38 -0.45 -20.42
CA GLN B 115 10.08 0.57 -19.66
CA GLN B 115 10.11 0.50 -19.62
C GLN B 115 9.06 1.26 -18.80
C GLN B 115 9.09 1.28 -18.81
N ASP B 116 9.52 1.83 -17.68
CA ASP B 116 8.67 2.58 -16.79
C ASP B 116 7.94 3.63 -17.60
N GLY B 117 6.64 3.75 -17.37
CA GLY B 117 5.80 4.72 -18.08
C GLY B 117 5.15 4.22 -19.34
N ASP B 118 5.54 3.06 -19.82
CA ASP B 118 4.91 2.50 -21.02
C ASP B 118 3.45 2.07 -20.77
N THR B 119 2.64 2.22 -21.82
CA THR B 119 1.25 1.81 -21.79
C THR B 119 1.25 0.30 -22.01
N LEU B 120 0.42 -0.39 -21.25
CA LEU B 120 0.33 -1.84 -21.32
C LEU B 120 -1.03 -2.26 -21.83
N THR B 121 -1.04 -3.35 -22.58
CA THR B 121 -2.25 -3.93 -23.09
C THR B 121 -2.38 -5.32 -22.44
N PRO B 122 -3.62 -5.83 -22.33
CA PRO B 122 -3.78 -7.17 -21.74
C PRO B 122 -2.88 -8.25 -22.34
N ASN B 123 -2.31 -9.07 -21.46
CA ASN B 123 -1.44 -10.20 -21.80
C ASN B 123 -0.08 -9.84 -22.43
N GLN B 124 0.33 -8.59 -22.22
CA GLN B 124 1.59 -8.11 -22.70
C GLN B 124 2.69 -8.67 -21.79
N THR B 125 3.78 -9.14 -22.39
CA THR B 125 4.91 -9.66 -21.64
C THR B 125 5.75 -8.49 -21.14
N LEU B 126 6.03 -8.48 -19.85
CA LEU B 126 6.78 -7.40 -19.24
C LEU B 126 8.27 -7.71 -19.26
N CYS B 127 8.63 -8.94 -18.95
CA CYS B 127 10.03 -9.32 -18.90
C CYS B 127 10.22 -10.82 -18.94
N THR B 128 11.45 -11.21 -19.23
CA THR B 128 11.85 -12.60 -19.28
C THR B 128 12.99 -12.72 -18.30
N LEU B 129 12.90 -13.69 -17.39
CA LEU B 129 13.93 -13.90 -16.38
C LEU B 129 14.58 -15.25 -16.57
N THR B 130 15.91 -15.31 -16.39
CA THR B 130 16.66 -16.56 -16.52
C THR B 130 17.64 -16.69 -15.38
N GLY B 131 17.68 -17.86 -14.76
CA GLY B 131 18.61 -18.11 -13.65
C GLY B 131 18.22 -19.36 -12.90
N PRO B 132 18.89 -19.62 -11.77
CA PRO B 132 18.62 -20.79 -10.92
C PRO B 132 17.13 -20.82 -10.57
N ALA B 133 16.48 -21.96 -10.83
CA ALA B 133 15.06 -22.12 -10.58
C ALA B 133 14.64 -21.77 -9.16
N ARG B 134 15.44 -22.16 -8.15
CA ARG B 134 15.11 -21.84 -6.77
C ARG B 134 15.03 -20.33 -6.51
N ILE B 135 15.95 -19.58 -7.11
CA ILE B 135 15.98 -18.13 -6.94
C ILE B 135 14.78 -17.47 -7.60
N LEU B 136 14.46 -17.90 -8.82
CA LEU B 136 13.31 -17.37 -9.53
C LEU B 136 12.05 -17.64 -8.70
N LEU B 137 11.94 -18.84 -8.13
CA LEU B 137 10.77 -19.18 -7.32
C LEU B 137 10.66 -18.31 -6.09
N THR B 138 11.80 -18.04 -5.47
CA THR B 138 11.81 -17.23 -4.25
C THR B 138 11.57 -15.75 -4.54
N GLY B 139 12.12 -15.26 -5.63
CA GLY B 139 11.96 -13.86 -5.98
C GLY B 139 10.71 -13.46 -6.71
N GLU B 140 10.10 -14.39 -7.44
CA GLU B 140 8.87 -14.08 -8.23
C GLU B 140 7.76 -13.27 -7.55
N ARG B 141 7.25 -13.69 -6.39
CA ARG B 141 6.14 -12.97 -5.74
C ARG B 141 6.55 -11.58 -5.26
N ASN B 142 7.77 -11.48 -4.74
CA ASN B 142 8.32 -10.24 -4.26
C ASN B 142 8.50 -9.24 -5.40
N ALA B 143 9.00 -9.71 -6.54
CA ALA B 143 9.20 -8.84 -7.69
C ALA B 143 7.81 -8.38 -8.17
N MET B 144 6.87 -9.32 -8.27
CA MET B 144 5.51 -8.99 -8.72
C MET B 144 4.78 -8.09 -7.76
N ASN B 145 5.00 -8.26 -6.46
CA ASN B 145 4.36 -7.38 -5.49
C ASN B 145 4.79 -5.92 -5.74
N PHE B 146 6.06 -5.67 -6.03
CA PHE B 146 6.48 -4.29 -6.35
C PHE B 146 5.87 -3.81 -7.67
N ILE B 147 5.98 -4.62 -8.71
CA ILE B 147 5.46 -4.24 -10.02
C ILE B 147 3.97 -3.97 -9.99
N GLN B 148 3.19 -4.85 -9.35
CA GLN B 148 1.75 -4.68 -9.34
C GLN B 148 1.33 -3.42 -8.58
N THR B 149 2.08 -3.09 -7.54
CA THR B 149 1.80 -1.92 -6.73
C THR B 149 2.12 -0.60 -7.46
N LEU B 150 3.33 -0.51 -7.96
CA LEU B 150 3.79 0.71 -8.63
C LEU B 150 3.07 0.88 -9.96
N SER B 151 2.82 -0.23 -10.67
CA SER B 151 2.06 -0.18 -11.92
C SER B 151 0.61 0.21 -11.62
N GLY B 152 0.06 -0.30 -10.53
CA GLY B 152 -1.27 0.03 -10.09
C GLY B 152 -1.43 1.55 -9.88
N CYS B 153 -0.46 2.16 -9.21
CA CYS B 153 -0.49 3.60 -8.96
C CYS B 153 -0.34 4.37 -10.26
N ALA B 154 0.59 3.95 -11.12
CA ALA B 154 0.78 4.65 -12.40
C ALA B 154 -0.50 4.57 -13.25
N THR B 155 -1.14 3.39 -13.22
CA THR B 155 -2.38 3.12 -13.99
C THR B 155 -3.53 4.02 -13.51
N ALA B 156 -3.74 4.07 -12.21
CA ALA B 156 -4.78 4.94 -11.61
C ALA B 156 -4.49 6.40 -11.99
N THR B 157 -3.24 6.81 -11.89
CA THR B 157 -2.84 8.17 -12.22
C THR B 157 -3.23 8.50 -13.67
N ALA B 158 -2.86 7.63 -14.61
CA ALA B 158 -3.18 7.88 -16.00
C ALA B 158 -4.69 8.00 -16.24
N ARG B 159 -5.51 7.24 -15.51
CA ARG B 159 -6.98 7.32 -15.66
C ARG B 159 -7.46 8.71 -15.23
N TYR B 160 -6.90 9.22 -14.14
CA TYR B 160 -7.23 10.56 -13.67
C TYR B 160 -6.77 11.60 -14.68
N VAL B 161 -5.56 11.44 -15.21
CA VAL B 161 -5.03 12.40 -16.18
C VAL B 161 -5.94 12.52 -17.41
N GLN B 162 -6.58 11.41 -17.83
CA GLN B 162 -7.49 11.43 -18.98
C GLN B 162 -8.66 12.38 -18.76
N GLU B 163 -9.09 12.57 -17.52
CA GLU B 163 -10.20 13.49 -17.26
C GLU B 163 -9.87 14.96 -17.50
N LEU B 164 -8.58 15.28 -17.59
CA LEU B 164 -8.12 16.63 -17.83
C LEU B 164 -8.03 17.03 -19.30
N LYS B 165 -8.29 16.08 -20.19
CA LYS B 165 -8.23 16.35 -21.63
C LYS B 165 -8.89 17.64 -22.03
N GLY B 166 -8.20 18.42 -22.85
CA GLY B 166 -8.77 19.66 -23.33
C GLY B 166 -8.57 20.85 -22.42
N THR B 167 -8.01 20.63 -21.24
CA THR B 167 -7.74 21.74 -20.33
C THR B 167 -6.25 21.79 -20.21
N GLN B 168 -5.76 22.82 -19.53
CA GLN B 168 -4.34 22.98 -19.33
C GLN B 168 -4.02 22.51 -17.91
N CYS B 169 -5.03 21.99 -17.22
CA CYS B 169 -4.87 21.55 -15.83
C CYS B 169 -3.92 20.35 -15.68
N ARG B 170 -3.22 20.29 -14.56
CA ARG B 170 -2.25 19.21 -14.28
C ARG B 170 -2.58 18.61 -12.92
N LEU B 171 -2.29 17.34 -12.77
CA LEU B 171 -2.59 16.62 -11.56
C LEU B 171 -1.39 16.56 -10.67
N LEU B 172 -1.61 16.78 -9.39
CA LEU B 172 -0.58 16.70 -8.40
C LEU B 172 -0.92 15.65 -7.33
N ASP B 173 0.14 15.04 -6.81
CA ASP B 173 0.02 14.09 -5.71
C ASP B 173 0.02 14.87 -4.36
N THR B 174 0.11 14.15 -3.26
CA THR B 174 0.03 14.72 -1.93
C THR B 174 0.89 13.93 -0.96
N ARG B 175 0.74 14.23 0.33
CA ARG B 175 1.42 13.47 1.37
C ARG B 175 0.59 12.30 1.91
N LYS B 176 -0.56 11.99 1.28
CA LYS B 176 -1.40 10.87 1.70
C LYS B 176 -0.92 9.66 0.93
N THR B 177 0.14 9.07 1.41
CA THR B 177 0.79 7.94 0.74
C THR B 177 0.86 6.72 1.65
N ILE B 178 0.90 5.55 1.04
CA ILE B 178 1.02 4.30 1.78
C ILE B 178 2.40 4.34 2.49
N PRO B 179 2.44 4.05 3.82
CA PRO B 179 3.72 4.14 4.55
C PRO B 179 4.86 3.26 3.97
N GLY B 180 6.06 3.84 3.93
CA GLY B 180 7.26 3.18 3.43
C GLY B 180 7.47 3.32 1.93
N LEU B 181 6.46 3.74 1.21
CA LEU B 181 6.54 3.83 -0.25
C LEU B 181 6.38 5.21 -0.85
N ARG B 182 6.58 6.26 -0.05
CA ARG B 182 6.44 7.63 -0.52
C ARG B 182 7.24 7.88 -1.81
N SER B 183 8.54 7.61 -1.78
CA SER B 183 9.31 7.90 -2.99
C SER B 183 8.88 7.02 -4.17
N ALA B 184 8.59 5.74 -3.93
CA ALA B 184 8.17 4.84 -5.01
C ALA B 184 6.84 5.29 -5.63
N LEU B 185 5.89 5.67 -4.80
CA LEU B 185 4.57 6.12 -5.29
C LEU B 185 4.63 7.48 -5.99
N LYS B 186 5.48 8.37 -5.52
CA LYS B 186 5.65 9.69 -6.18
C LYS B 186 6.26 9.46 -7.58
N TYR B 187 7.16 8.47 -7.67
CA TYR B 187 7.74 8.13 -8.95
C TYR B 187 6.68 7.50 -9.87
N ALA B 188 5.86 6.58 -9.35
CA ALA B 188 4.80 5.97 -10.13
C ALA B 188 3.80 7.04 -10.64
N VAL B 189 3.49 8.04 -9.81
CA VAL B 189 2.61 9.14 -10.23
C VAL B 189 3.21 9.82 -11.47
N ALA B 190 4.52 10.09 -11.41
CA ALA B 190 5.24 10.69 -12.51
C ALA B 190 5.13 9.79 -13.73
N CYS B 191 5.33 8.49 -13.56
CA CYS B 191 5.20 7.53 -14.65
C CYS B 191 3.81 7.49 -15.29
N GLY B 192 2.79 7.82 -14.51
CA GLY B 192 1.43 7.85 -15.01
C GLY B 192 0.98 9.17 -15.59
N GLY B 193 1.88 10.16 -15.66
CA GLY B 193 1.57 11.48 -16.23
C GLY B 193 1.15 12.54 -15.22
N GLY B 194 1.30 12.25 -13.95
CA GLY B 194 0.99 13.21 -12.89
C GLY B 194 2.26 13.96 -12.52
N TYR B 195 2.11 14.98 -11.67
CA TYR B 195 3.23 15.82 -11.22
C TYR B 195 3.37 15.74 -9.72
N ASN B 196 4.60 15.93 -9.26
CA ASN B 196 4.89 15.81 -7.86
C ASN B 196 4.83 17.12 -7.11
N HIS B 197 4.12 17.05 -6.01
CA HIS B 197 4.02 18.14 -5.11
C HIS B 197 5.15 17.87 -4.10
N ARG B 198 5.27 18.66 -3.04
CA ARG B 198 6.37 18.45 -2.09
C ARG B 198 6.52 16.98 -1.66
N ILE B 199 7.76 16.58 -1.49
CA ILE B 199 8.09 15.21 -1.12
C ILE B 199 7.72 15.00 0.34
N GLY B 200 7.94 16.03 1.16
CA GLY B 200 7.62 15.96 2.57
C GLY B 200 7.41 17.32 3.18
N VAL B 201 7.66 17.44 4.48
CA VAL B 201 7.48 18.70 5.18
C VAL B 201 8.78 19.51 5.19
N PHE B 202 9.84 18.96 4.63
CA PHE B 202 11.15 19.61 4.60
C PHE B 202 11.42 20.44 3.34
N ASP B 203 10.72 20.13 2.24
CA ASP B 203 11.04 20.82 0.97
C ASP B 203 10.19 21.95 0.42
N ALA B 204 9.11 22.28 1.11
CA ALA B 204 8.26 23.34 0.68
C ALA B 204 7.31 23.68 1.83
N TYR B 205 6.85 24.92 1.83
CA TYR B 205 5.93 25.35 2.85
C TYR B 205 4.48 25.20 2.41
N LEU B 206 3.60 24.80 3.33
CA LEU B 206 2.17 24.74 3.08
C LEU B 206 1.51 25.55 4.21
N ILE B 207 1.44 26.85 3.99
CA ILE B 207 0.89 27.80 4.98
C ILE B 207 -0.65 27.71 5.07
N LYS B 208 -1.17 27.51 6.28
CA LYS B 208 -2.61 27.38 6.55
C LYS B 208 -3.07 28.43 7.55
N GLU B 209 -4.39 28.49 7.78
CA GLU B 209 -4.96 29.46 8.72
C GLU B 209 -4.20 29.54 10.04
N ASN B 210 -3.88 28.37 10.61
N ASN B 210 -3.88 28.39 10.67
CA ASN B 210 -3.14 28.29 11.86
CA ASN B 210 -3.16 28.42 11.95
C ASN B 210 -1.85 29.11 11.84
C ASN B 210 -1.82 29.17 11.85
N HIS B 211 -1.09 28.99 10.74
CA HIS B 211 0.18 29.69 10.58
C HIS B 211 -0.01 31.20 10.35
N ILE B 212 -1.05 31.54 9.59
CA ILE B 212 -1.39 32.94 9.27
C ILE B 212 -1.67 33.73 10.54
N ILE B 213 -2.46 33.14 11.44
CA ILE B 213 -2.81 33.74 12.73
C ILE B 213 -1.57 33.91 13.58
N ALA B 214 -0.77 32.84 13.67
CA ALA B 214 0.48 32.85 14.45
C ALA B 214 1.41 33.97 13.99
N CYS B 215 1.56 34.16 12.69
CA CYS B 215 2.46 35.22 12.17
C CYS B 215 1.84 36.60 12.10
N GLY B 216 0.52 36.68 12.24
CA GLY B 216 -0.21 37.93 12.21
C GLY B 216 -0.62 38.44 10.85
N GLY B 217 -0.84 37.54 9.89
CA GLY B 217 -1.26 37.96 8.54
C GLY B 217 -0.52 37.18 7.50
N ILE B 218 -1.11 37.06 6.31
CA ILE B 218 -0.51 36.29 5.22
C ILE B 218 0.84 36.85 4.76
N ARG B 219 0.92 38.16 4.53
CA ARG B 219 2.19 38.75 4.07
C ARG B 219 3.32 38.46 5.07
N GLN B 220 3.02 38.50 6.37
CA GLN B 220 3.99 38.24 7.44
C GLN B 220 4.42 36.76 7.45
N ALA B 221 3.45 35.87 7.24
CA ALA B 221 3.73 34.44 7.23
C ALA B 221 4.66 34.11 6.07
N ILE B 222 4.34 34.64 4.89
CA ILE B 222 5.14 34.43 3.69
C ILE B 222 6.55 34.99 3.89
N SER B 223 6.65 36.22 4.36
CA SER B 223 7.97 36.85 4.60
C SER B 223 8.81 36.02 5.56
N THR B 224 8.19 35.55 6.64
CA THR B 224 8.90 34.73 7.62
C THR B 224 9.41 33.44 6.95
N ALA B 225 8.53 32.80 6.18
CA ALA B 225 8.88 31.59 5.47
C ALA B 225 10.06 31.83 4.53
N LYS B 226 10.03 32.94 3.77
CA LYS B 226 11.11 33.22 2.82
C LYS B 226 12.44 33.59 3.48
N GLN B 227 12.37 34.15 4.67
CA GLN B 227 13.55 34.51 5.42
C GLN B 227 14.16 33.31 6.10
N LEU B 228 13.34 32.39 6.60
CA LEU B 228 13.87 31.21 7.29
C LEU B 228 14.48 30.16 6.37
N ASN B 229 13.92 29.99 5.17
CA ASN B 229 14.42 28.99 4.22
C ASN B 229 14.38 29.50 2.80
N PRO B 230 15.35 30.34 2.45
CA PRO B 230 15.39 30.90 1.11
C PRO B 230 15.38 29.83 0.02
N GLY B 231 14.61 30.08 -1.04
CA GLY B 231 14.53 29.14 -2.14
C GLY B 231 13.41 28.12 -2.06
N LYS B 232 12.89 27.84 -0.86
CA LYS B 232 11.82 26.84 -0.73
C LYS B 232 10.49 27.36 -1.26
N PRO B 233 9.76 26.56 -2.06
CA PRO B 233 8.47 27.04 -2.54
C PRO B 233 7.50 27.32 -1.39
N VAL B 234 6.67 28.34 -1.57
CA VAL B 234 5.71 28.72 -0.59
C VAL B 234 4.29 28.60 -1.13
N GLU B 235 3.47 27.74 -0.55
N GLU B 235 3.48 27.75 -0.51
CA GLU B 235 2.07 27.59 -0.96
CA GLU B 235 2.09 27.60 -0.90
C GLU B 235 1.22 28.02 0.22
C GLU B 235 1.22 28.04 0.25
N VAL B 236 0.10 28.69 -0.06
CA VAL B 236 -0.81 29.17 0.98
C VAL B 236 -2.18 28.57 0.73
N GLU B 237 -2.76 28.00 1.78
CA GLU B 237 -4.10 27.42 1.69
C GLU B 237 -5.14 28.50 2.04
N THR B 238 -6.19 28.60 1.23
CA THR B 238 -7.25 29.60 1.43
C THR B 238 -8.59 28.88 1.41
N GLU B 239 -9.51 29.32 2.27
CA GLU B 239 -10.83 28.68 2.34
C GLU B 239 -11.92 29.58 1.78
N THR B 240 -11.61 30.87 1.56
CA THR B 240 -12.56 31.82 1.02
C THR B 240 -11.92 32.71 -0.04
N LEU B 241 -12.77 33.39 -0.82
CA LEU B 241 -12.31 34.30 -1.87
C LEU B 241 -11.55 35.48 -1.32
N ALA B 242 -11.96 35.94 -0.13
CA ALA B 242 -11.30 37.06 0.55
C ALA B 242 -9.87 36.67 0.90
N GLU B 243 -9.70 35.44 1.42
CA GLU B 243 -8.38 34.94 1.76
C GLU B 243 -7.52 34.83 0.50
N LEU B 244 -8.13 34.35 -0.58
CA LEU B 244 -7.44 34.23 -1.87
C LEU B 244 -6.86 35.59 -2.29
N GLU B 245 -7.75 36.58 -2.28
CA GLU B 245 -7.40 37.93 -2.68
C GLU B 245 -6.25 38.44 -1.81
N GLU B 246 -6.34 38.22 -0.49
CA GLU B 246 -5.28 38.64 0.44
C GLU B 246 -3.95 37.94 0.17
N ALA B 247 -4.00 36.64 -0.14
CA ALA B 247 -2.80 35.86 -0.44
C ALA B 247 -2.19 36.33 -1.77
N ILE B 248 -3.04 36.65 -2.74
CA ILE B 248 -2.58 37.17 -4.04
C ILE B 248 -1.92 38.53 -3.85
N SER B 249 -2.56 39.39 -3.06
CA SER B 249 -2.01 40.71 -2.77
C SER B 249 -0.66 40.56 -2.03
N ALA B 250 -0.55 39.58 -1.13
CA ALA B 250 0.69 39.34 -0.38
C ALA B 250 1.74 38.63 -1.23
N GLY B 251 1.45 38.51 -2.53
CA GLY B 251 2.33 37.91 -3.51
C GLY B 251 2.59 36.41 -3.53
N ALA B 252 1.80 35.61 -2.81
CA ALA B 252 1.98 34.12 -2.74
C ALA B 252 2.34 33.42 -4.05
N ASP B 253 3.20 32.41 -4.01
CA ASP B 253 3.60 31.68 -5.24
C ASP B 253 2.40 30.85 -5.81
N ILE B 254 1.93 29.95 -4.94
CA ILE B 254 0.86 29.02 -5.20
C ILE B 254 -0.21 29.14 -4.15
N ILE B 255 -1.47 29.07 -4.56
CA ILE B 255 -2.56 29.15 -3.64
C ILE B 255 -3.38 27.88 -3.74
N MET B 256 -3.59 27.22 -2.61
N MET B 256 -3.57 27.20 -2.62
CA MET B 256 -4.40 26.03 -2.57
CA MET B 256 -4.37 25.97 -2.56
C MET B 256 -5.81 26.47 -2.25
C MET B 256 -5.81 26.31 -2.18
N LEU B 257 -6.76 26.05 -3.07
CA LEU B 257 -8.19 26.35 -2.83
C LEU B 257 -8.77 25.16 -2.08
N ASP B 258 -9.15 25.37 -0.84
CA ASP B 258 -9.66 24.29 0.01
C ASP B 258 -11.19 24.19 0.02
N ASN B 259 -11.72 23.09 -0.50
CA ASN B 259 -13.17 22.87 -0.56
C ASN B 259 -13.97 24.06 -1.11
N PHE B 260 -13.57 24.53 -2.30
CA PHE B 260 -14.25 25.60 -3.03
C PHE B 260 -15.32 24.96 -3.90
N SER B 261 -16.41 25.66 -4.13
CA SER B 261 -17.48 25.17 -5.00
C SER B 261 -17.06 25.48 -6.43
N LEU B 262 -17.65 24.85 -7.44
CA LEU B 262 -17.27 25.19 -8.82
C LEU B 262 -17.37 26.70 -9.05
N GLU B 263 -18.43 27.30 -8.50
CA GLU B 263 -18.63 28.73 -8.65
C GLU B 263 -17.47 29.56 -8.11
N MET B 264 -17.04 29.21 -6.90
CA MET B 264 -15.92 29.90 -6.27
C MET B 264 -14.65 29.71 -7.09
N MET B 265 -14.48 28.52 -7.67
CA MET B 265 -13.29 28.27 -8.48
C MET B 265 -13.23 29.19 -9.68
N ARG B 266 -14.35 29.31 -10.39
CA ARG B 266 -14.37 30.19 -11.57
C ARG B 266 -14.09 31.61 -11.15
N GLU B 267 -14.72 32.03 -10.06
CA GLU B 267 -14.52 33.38 -9.56
C GLU B 267 -13.03 33.57 -9.18
N ALA B 268 -12.45 32.59 -8.50
CA ALA B 268 -11.02 32.65 -8.10
C ALA B 268 -10.12 32.77 -9.33
N VAL B 269 -10.41 31.98 -10.36
CA VAL B 269 -9.63 32.05 -11.58
C VAL B 269 -9.78 33.45 -12.19
N LYS B 270 -10.98 33.98 -12.21
CA LYS B 270 -11.18 35.34 -12.78
C LYS B 270 -10.49 36.41 -11.93
N ILE B 271 -10.61 36.31 -10.61
CA ILE B 271 -9.95 37.23 -9.69
C ILE B 271 -8.44 37.17 -9.85
N ASN B 272 -7.91 35.96 -9.82
CA ASN B 272 -6.47 35.73 -9.95
C ASN B 272 -5.83 36.32 -11.20
N ALA B 273 -6.55 36.24 -12.32
CA ALA B 273 -6.08 36.77 -13.61
C ALA B 273 -4.69 36.25 -13.97
N GLY B 274 -4.47 34.96 -13.74
CA GLY B 274 -3.18 34.31 -14.05
C GLY B 274 -1.97 34.69 -13.22
N ARG B 275 -2.17 35.48 -12.15
CA ARG B 275 -1.07 35.90 -11.29
C ARG B 275 -0.39 34.76 -10.54
N ALA B 276 -1.12 34.08 -9.66
CA ALA B 276 -0.55 32.95 -8.93
C ALA B 276 -0.99 31.63 -9.56
N ALA B 277 -0.34 30.54 -9.18
CA ALA B 277 -0.74 29.22 -9.64
C ALA B 277 -1.86 28.82 -8.66
N LEU B 278 -3.02 28.43 -9.18
CA LEU B 278 -4.15 28.00 -8.33
C LEU B 278 -4.24 26.47 -8.37
N GLU B 279 -4.36 25.88 -7.18
CA GLU B 279 -4.43 24.44 -7.03
C GLU B 279 -5.65 24.06 -6.20
N ASN B 280 -6.49 23.21 -6.73
CA ASN B 280 -7.68 22.82 -6.01
C ASN B 280 -7.40 21.54 -5.23
N SER B 281 -7.89 21.49 -4.01
CA SER B 281 -7.74 20.34 -3.14
C SER B 281 -9.06 20.07 -2.42
N GLY B 282 -9.29 18.81 -2.07
CA GLY B 282 -10.50 18.42 -1.35
C GLY B 282 -11.65 17.83 -2.13
N ASN B 283 -12.06 16.66 -1.67
CA ASN B 283 -13.17 15.89 -2.24
C ASN B 283 -13.16 15.87 -3.76
N ILE B 284 -12.07 15.32 -4.31
CA ILE B 284 -11.94 15.21 -5.74
C ILE B 284 -12.02 13.73 -6.06
N THR B 285 -12.97 13.36 -6.91
CA THR B 285 -13.16 11.97 -7.31
C THR B 285 -12.95 11.90 -8.81
N LEU B 286 -12.76 10.69 -9.33
CA LEU B 286 -12.60 10.54 -10.77
C LEU B 286 -13.85 11.10 -11.49
N ASP B 287 -15.02 10.94 -10.88
CA ASP B 287 -16.27 11.42 -11.47
C ASP B 287 -16.46 12.94 -11.54
N ASN B 288 -15.77 13.73 -10.73
CA ASN B 288 -15.94 15.20 -10.82
C ASN B 288 -14.69 15.99 -11.16
N LEU B 289 -13.58 15.29 -11.43
CA LEU B 289 -12.32 15.93 -11.74
C LEU B 289 -12.39 16.86 -12.96
N LYS B 290 -13.02 16.38 -14.03
CA LYS B 290 -13.13 17.18 -15.26
C LYS B 290 -13.79 18.53 -15.03
N GLU B 291 -14.90 18.49 -14.28
CA GLU B 291 -15.65 19.72 -14.01
C GLU B 291 -14.81 20.72 -13.21
N CYS B 292 -13.98 20.22 -12.29
N CYS B 292 -13.98 20.23 -12.29
CA CYS B 292 -13.07 21.08 -11.52
CA CYS B 292 -13.08 21.11 -11.54
C CYS B 292 -12.02 21.69 -12.46
C CYS B 292 -12.01 21.70 -12.47
N ALA B 293 -11.43 20.86 -13.32
CA ALA B 293 -10.41 21.32 -14.27
C ALA B 293 -10.96 22.39 -15.23
N GLU B 294 -12.18 22.19 -15.70
CA GLU B 294 -12.80 23.13 -16.61
C GLU B 294 -13.04 24.52 -16.02
N THR B 295 -12.90 24.70 -14.70
CA THR B 295 -13.08 26.04 -14.13
C THR B 295 -11.88 26.93 -14.45
N GLY B 296 -10.76 26.32 -14.84
CA GLY B 296 -9.55 27.07 -15.17
C GLY B 296 -8.43 27.01 -14.16
N VAL B 297 -8.60 26.22 -13.10
CA VAL B 297 -7.53 26.08 -12.10
C VAL B 297 -6.34 25.43 -12.80
N ASP B 298 -5.15 25.75 -12.31
CA ASP B 298 -3.91 25.26 -12.88
C ASP B 298 -3.58 23.80 -12.47
N TYR B 299 -3.85 23.47 -11.21
CA TYR B 299 -3.58 22.13 -10.69
C TYR B 299 -4.69 21.58 -9.85
N ILE B 300 -4.77 20.24 -9.77
CA ILE B 300 -5.72 19.61 -8.90
C ILE B 300 -4.94 18.54 -8.13
N SER B 301 -5.00 18.57 -6.82
CA SER B 301 -4.27 17.58 -6.02
C SER B 301 -5.23 16.45 -5.71
N VAL B 302 -4.75 15.23 -5.85
CA VAL B 302 -5.58 14.05 -5.66
C VAL B 302 -4.90 13.05 -4.73
N GLY B 303 -5.37 13.00 -3.49
CA GLY B 303 -4.83 12.07 -2.52
C GLY B 303 -5.09 10.62 -2.90
N ALA B 304 -6.14 10.38 -3.67
CA ALA B 304 -6.54 9.03 -4.09
C ALA B 304 -5.47 8.29 -4.90
N LEU B 305 -4.62 9.01 -5.59
CA LEU B 305 -3.56 8.39 -6.39
C LEU B 305 -2.56 7.58 -5.59
N THR B 306 -2.31 8.01 -4.37
CA THR B 306 -1.34 7.36 -3.51
C THR B 306 -1.84 6.80 -2.18
N LYS B 307 -3.06 7.15 -1.77
N LYS B 307 -3.06 7.13 -1.74
CA LYS B 307 -3.63 6.66 -0.51
CA LYS B 307 -3.55 6.57 -0.47
C LYS B 307 -4.35 5.35 -0.75
C LYS B 307 -4.34 5.31 -0.75
N HIS B 308 -4.88 5.17 -1.97
CA HIS B 308 -5.59 3.95 -2.34
C HIS B 308 -4.71 3.20 -3.34
N LEU B 309 -5.03 1.92 -3.53
CA LEU B 309 -4.30 1.12 -4.48
C LEU B 309 -5.17 0.06 -5.13
N LYS B 310 -5.08 0.02 -6.46
CA LYS B 310 -5.69 -1.02 -7.26
C LYS B 310 -4.48 -1.62 -7.98
N ALA B 311 -3.99 -2.75 -7.47
CA ALA B 311 -2.85 -3.45 -8.02
C ALA B 311 -3.12 -3.98 -9.41
N LEU B 312 -2.14 -3.89 -10.29
CA LEU B 312 -2.28 -4.43 -11.65
C LEU B 312 -2.19 -5.97 -11.51
N ASP B 313 -3.05 -6.73 -12.21
CA ASP B 313 -3.04 -8.20 -12.09
C ASP B 313 -1.95 -8.79 -12.98
N LEU B 314 -1.00 -9.47 -12.36
CA LEU B 314 0.11 -10.04 -13.07
C LEU B 314 0.17 -11.53 -12.93
N SER B 315 0.86 -12.16 -13.87
CA SER B 315 1.07 -13.60 -13.82
C SER B 315 2.51 -13.92 -14.22
N MET B 316 3.08 -14.92 -13.55
CA MET B 316 4.45 -15.38 -13.79
C MET B 316 4.36 -16.78 -14.36
N ARG B 317 4.90 -16.99 -15.55
N ARG B 317 4.90 -16.98 -15.57
CA ARG B 317 4.85 -18.31 -16.19
CA ARG B 317 4.90 -18.30 -16.20
C ARG B 317 6.24 -18.85 -16.56
C ARG B 317 6.29 -18.83 -16.51
N PHE B 318 6.51 -20.10 -16.13
CA PHE B 318 7.79 -20.78 -16.37
C PHE B 318 7.86 -21.50 -17.71
#